data_7FPB
#
_entry.id   7FPB
#
_cell.length_a   89.202
_cell.length_b   81.727
_cell.length_c   92.837
_cell.angle_alpha   90
_cell.angle_beta   108.32
_cell.angle_gamma   90
#
_symmetry.space_group_name_H-M   'C 1 2 1'
#
loop_
_entity.id
_entity.type
_entity.pdbx_description
1 polymer 'Pre-mRNA-splicing factor 8'
2 polymer 'A1 cistron-splicing factor AAR2'
3 non-polymer N~2~-[(6-chloropyridin-3-yl)methyl]-N,N~2~-diethylglycinamide
4 water water
#
loop_
_entity_poly.entity_id
_entity_poly.type
_entity_poly.pdbx_seq_one_letter_code
_entity_poly.pdbx_strand_id
1 'polypeptide(L)'
;GAMNSSNYAELFNNDIKLFVDDTNVYRVTVHKTFEGNVATKAINGCIFTLNPKTGHLFLKIIHTSVWAGQKRLSQLAKWK
TAEEVSALVRSLPKEEQPKQIIVTRKAMLDPLEVHMLDFPNIAIRPTELRLPFSAAMSIDKLSDVVMKATEPQMVLFNIY
DDWLDRISSYTAFSRLTLLLRALKTNEESAKMILLSDPTITIKSYHLWPSFTDEQWITIESQMRDLILTEYGRKYNVNIS
ALTQTEIKDIILGQNIKA
;
A
2 'polypeptide(L)'
;GAMAMNTVPFTSAPIEVTIGIDQYSFNVKENQPFHGIKDIPIGHVHVIHFQHADNSSMRYGYWFDCRMGNFYIQYDPKDG
LYKMMEERDGAKFENIVHNFKERQMMVSYPKIDEDDTWYNLTEFVQMDKIRKIVRKDENQFSYVDSSMTTVQENELSSSS
SDPAHSLNYTVINFKSREAIRPGHEMEDFLDKSYYLNTVMLQGIFKNSSNYFGELQFAFLNAMFFGNYGSSLQWHAMIEL
ICSSATVPKHMLDKLDEILYYQIKTLPEQYSDILLNERVWNICLYSSFQKNSLHNTEKIMENKYPELL
;
B
#
loop_
_chem_comp.id
_chem_comp.type
_chem_comp.name
_chem_comp.formula
W4L non-polymer N~2~-[(6-chloropyridin-3-yl)methyl]-N,N~2~-diethylglycinamide 'C12 H18 Cl N3 O'
#
# COMPACT_ATOMS: atom_id res chain seq x y z
N GLY A 1 5.87 7.44 13.74
CA GLY A 1 4.50 6.95 13.84
C GLY A 1 3.48 8.06 14.04
N ALA A 2 2.28 7.70 14.53
CA ALA A 2 1.24 8.69 14.78
C ALA A 2 1.63 9.59 15.95
N MET A 3 1.02 10.76 15.98
CA MET A 3 1.30 11.82 16.93
C MET A 3 0.11 11.86 17.88
N ASN A 4 0.38 11.81 19.19
CA ASN A 4 -0.69 11.66 20.17
C ASN A 4 -0.26 12.36 21.46
N SER A 5 -1.11 12.25 22.49
CA SER A 5 -0.86 12.82 23.81
C SER A 5 0.56 12.56 24.30
N SER A 6 1.08 11.37 23.99
CA SER A 6 2.32 10.89 24.59
C SER A 6 3.53 11.60 24.01
N ASN A 7 3.64 11.65 22.69
CA ASN A 7 4.78 12.32 22.06
C ASN A 7 4.44 13.76 21.69
N TYR A 8 3.73 14.41 22.61
CA TYR A 8 3.27 15.79 22.43
C TYR A 8 4.45 16.78 22.29
N ALA A 9 5.47 16.65 23.13
CA ALA A 9 6.43 17.72 23.26
C ALA A 9 7.37 17.81 22.07
N GLU A 10 7.47 16.77 21.26
CA GLU A 10 8.30 16.73 20.05
C GLU A 10 8.02 17.91 19.11
N LEU A 11 6.79 18.37 19.07
CA LEU A 11 6.37 19.48 18.20
C LEU A 11 7.14 20.77 18.58
N PHE A 12 7.78 20.84 19.75
CA PHE A 12 8.50 22.06 20.17
C PHE A 12 10.01 21.86 20.21
N ASN A 13 10.54 20.76 19.69
CA ASN A 13 12.03 20.53 19.71
C ASN A 13 12.71 21.36 18.61
N ASN A 14 14.02 21.25 18.41
CA ASN A 14 14.77 22.10 17.45
C ASN A 14 14.23 21.92 16.02
N ASP A 15 13.78 20.72 15.63
CA ASP A 15 13.27 20.42 14.27
C ASP A 15 12.15 21.39 13.91
N ILE A 16 12.20 21.95 12.70
CA ILE A 16 11.20 22.93 12.24
C ILE A 16 10.17 22.12 11.47
N LYS A 17 8.94 22.01 11.98
CA LYS A 17 7.96 21.13 11.33
C LYS A 17 6.68 21.89 11.08
N LEU A 18 5.85 21.34 10.20
CA LEU A 18 4.58 21.96 9.81
C LEU A 18 3.42 21.01 10.12
N PHE A 19 2.28 21.57 10.42
CA PHE A 19 0.99 20.84 10.46
C PHE A 19 0.22 21.23 9.20
N VAL A 20 -0.33 20.29 8.44
CA VAL A 20 -1.21 20.58 7.30
C VAL A 20 -2.63 20.19 7.66
N ASP A 21 -3.56 21.12 7.52
CA ASP A 21 -4.98 20.83 7.62
C ASP A 21 -5.69 21.28 6.37
N ASP A 22 -6.57 20.37 5.86
CA ASP A 22 -7.25 20.51 4.57
C ASP A 22 -8.77 20.68 4.70
N THR A 23 -9.29 20.87 5.92
N THR A 23 -9.29 20.85 5.93
CA THR A 23 -10.74 20.85 6.14
CA THR A 23 -10.74 20.86 6.12
C THR A 23 -11.46 22.07 5.58
C THR A 23 -11.41 22.00 5.35
N ASN A 24 -10.74 23.15 5.25
CA ASN A 24 -11.31 24.34 4.65
C ASN A 24 -10.82 24.55 3.23
N VAL A 25 -10.31 23.50 2.57
CA VAL A 25 -9.88 23.61 1.17
C VAL A 25 -11.09 23.72 0.25
N TYR A 26 -11.96 22.73 0.29
CA TYR A 26 -13.20 22.70 -0.51
C TYR A 26 -14.42 23.04 0.35
N ARG A 27 -15.00 24.23 0.06
CA ARG A 27 -16.11 24.86 0.75
C ARG A 27 -17.24 25.20 -0.22
N VAL A 28 -18.45 24.87 0.22
CA VAL A 28 -19.63 24.97 -0.62
C VAL A 28 -20.75 25.46 0.26
N THR A 29 -21.61 26.25 -0.33
CA THR A 29 -22.94 26.49 0.17
C THR A 29 -23.92 25.67 -0.66
N VAL A 30 -24.90 25.07 0.02
CA VAL A 30 -25.88 24.20 -0.61
C VAL A 30 -27.20 24.94 -0.69
N HIS A 31 -27.75 25.05 -1.91
CA HIS A 31 -28.97 25.80 -2.17
C HIS A 31 -29.92 24.99 -3.06
N LYS A 32 -31.07 25.57 -3.35
CA LYS A 32 -32.10 24.94 -4.16
C LYS A 32 -32.19 25.56 -5.55
N THR A 33 -32.30 24.69 -6.56
CA THR A 33 -32.50 25.08 -7.94
C THR A 33 -33.98 25.38 -8.20
N PHE A 34 -34.24 26.11 -9.29
CA PHE A 34 -35.60 26.45 -9.64
C PHE A 34 -36.47 25.21 -9.69
N GLU A 35 -35.98 24.12 -10.30
CA GLU A 35 -36.76 22.90 -10.43
C GLU A 35 -36.98 22.21 -9.10
N GLY A 36 -36.42 22.71 -8.01
CA GLY A 36 -36.56 22.09 -6.72
C GLY A 36 -35.42 21.17 -6.33
N ASN A 37 -34.42 21.00 -7.17
CA ASN A 37 -33.28 20.17 -6.83
C ASN A 37 -32.27 20.98 -6.03
N VAL A 38 -31.23 20.30 -5.59
CA VAL A 38 -30.20 20.87 -4.75
C VAL A 38 -28.89 20.92 -5.52
N ALA A 39 -28.21 22.07 -5.43
CA ALA A 39 -26.91 22.29 -6.03
C ALA A 39 -25.98 22.98 -5.02
N THR A 40 -24.71 22.78 -5.24
CA THR A 40 -23.67 23.39 -4.44
C THR A 40 -23.05 24.53 -5.22
N LYS A 41 -22.62 25.56 -4.53
CA LYS A 41 -21.85 26.65 -5.12
C LYS A 41 -20.55 26.80 -4.32
N ALA A 42 -19.41 26.66 -4.98
CA ALA A 42 -18.16 26.68 -4.24
C ALA A 42 -17.77 28.11 -3.85
N ILE A 43 -17.07 28.22 -2.72
CA ILE A 43 -16.50 29.49 -2.30
C ILE A 43 -15.02 29.31 -1.99
N ASN A 44 -14.32 30.40 -1.79
CA ASN A 44 -12.88 30.30 -1.65
C ASN A 44 -12.55 29.50 -0.33
N GLY A 45 -11.40 28.86 -0.44
CA GLY A 45 -10.82 28.11 0.71
C GLY A 45 -9.32 28.31 0.86
N CYS A 46 -8.75 27.55 1.80
CA CYS A 46 -7.35 27.69 2.12
C CYS A 46 -6.82 26.36 2.61
N ILE A 47 -5.57 26.15 2.35
CA ILE A 47 -4.78 25.20 3.15
C ILE A 47 -4.20 25.93 4.37
N PHE A 48 -4.15 25.23 5.51
CA PHE A 48 -3.77 25.74 6.83
C PHE A 48 -2.54 24.92 7.12
N THR A 49 -1.39 25.52 6.85
CA THR A 49 -0.06 24.94 7.04
C THR A 49 0.70 25.74 8.09
N LEU A 50 1.10 25.13 9.21
CA LEU A 50 1.59 26.01 10.30
C LEU A 50 2.85 25.45 10.99
N ASN A 51 3.84 26.30 11.28
CA ASN A 51 5.04 25.92 12.07
C ASN A 51 4.58 26.12 13.51
N PRO A 52 4.42 25.07 14.34
CA PRO A 52 3.90 25.26 15.65
C PRO A 52 4.91 25.94 16.58
N LYS A 53 6.20 26.01 16.25
CA LYS A 53 7.11 26.73 17.18
C LYS A 53 7.02 28.26 17.01
N THR A 54 7.32 28.82 15.83
CA THR A 54 7.31 30.28 15.56
C THR A 54 5.89 30.79 15.38
N GLY A 55 5.01 29.91 14.89
CA GLY A 55 3.60 30.22 14.59
C GLY A 55 3.36 30.62 13.18
N HIS A 56 4.39 30.63 12.36
CA HIS A 56 4.25 31.11 10.98
C HIS A 56 3.19 30.23 10.32
N LEU A 57 2.16 30.83 9.70
CA LEU A 57 1.04 30.10 9.07
C LEU A 57 1.04 30.43 7.58
N PHE A 58 1.49 29.51 6.73
CA PHE A 58 1.56 29.73 5.27
C PHE A 58 0.17 29.44 4.74
N LEU A 59 -0.70 30.45 4.83
CA LEU A 59 -2.09 30.31 4.37
C LEU A 59 -2.05 30.27 2.85
N LYS A 60 -2.29 29.11 2.26
CA LYS A 60 -2.46 29.06 0.77
C LYS A 60 -3.94 29.20 0.36
N ILE A 61 -4.23 30.14 -0.49
CA ILE A 61 -5.63 30.44 -0.74
C ILE A 61 -6.06 29.68 -1.98
N ILE A 62 -7.17 29.00 -1.88
CA ILE A 62 -7.55 28.04 -2.93
C ILE A 62 -8.72 28.72 -3.64
N HIS A 63 -8.52 29.27 -4.84
CA HIS A 63 -9.55 30.10 -5.50
C HIS A 63 -10.56 29.17 -6.18
N THR A 64 -11.85 29.51 -6.10
CA THR A 64 -12.87 28.60 -6.59
C THR A 64 -12.68 28.24 -8.06
N SER A 65 -11.84 28.99 -8.78
CA SER A 65 -11.59 28.69 -10.19
C SER A 65 -10.84 27.37 -10.36
N VAL A 66 -10.20 26.83 -9.32
N VAL A 66 -10.22 26.85 -9.30
CA VAL A 66 -9.45 25.58 -9.44
CA VAL A 66 -9.48 25.60 -9.34
C VAL A 66 -10.38 24.36 -9.56
C VAL A 66 -10.40 24.41 -9.61
N TRP A 67 -11.66 24.54 -9.22
CA TRP A 67 -12.63 23.45 -9.24
C TRP A 67 -13.34 23.31 -10.59
N ALA A 68 -13.13 24.28 -11.50
CA ALA A 68 -14.01 24.51 -12.63
C ALA A 68 -13.88 23.33 -13.56
N GLY A 69 -15.00 22.75 -13.99
CA GLY A 69 -14.86 21.60 -14.87
C GLY A 69 -14.31 20.33 -14.25
N GLN A 70 -14.16 20.26 -12.93
CA GLN A 70 -13.62 19.06 -12.29
C GLN A 70 -14.67 18.24 -11.54
N LYS A 71 -14.44 16.91 -11.52
CA LYS A 71 -15.31 15.92 -10.87
C LYS A 71 -14.68 15.43 -9.57
N ARG A 72 -15.54 14.92 -8.68
CA ARG A 72 -15.09 14.32 -7.41
C ARG A 72 -14.18 15.31 -6.65
N LEU A 73 -14.78 16.47 -6.33
CA LEU A 73 -14.02 17.59 -5.77
C LEU A 73 -13.51 17.26 -4.37
N SER A 74 -14.31 16.62 -3.52
CA SER A 74 -13.74 16.25 -2.22
C SER A 74 -12.47 15.43 -2.40
N GLN A 75 -12.41 14.54 -3.38
CA GLN A 75 -11.18 13.75 -3.52
C GLN A 75 -10.07 14.58 -4.12
N LEU A 76 -10.39 15.33 -5.17
CA LEU A 76 -9.39 16.24 -5.71
C LEU A 76 -8.80 17.21 -4.64
N ALA A 77 -9.63 17.79 -3.77
CA ALA A 77 -9.17 18.79 -2.82
C ALA A 77 -7.92 18.29 -2.04
N LYS A 78 -7.91 16.99 -1.69
CA LYS A 78 -6.78 16.43 -0.93
C LYS A 78 -5.53 16.32 -1.81
N TRP A 79 -5.72 15.94 -3.12
CA TRP A 79 -4.60 15.94 -4.09
C TRP A 79 -4.13 17.38 -4.38
N LYS A 80 -5.07 18.31 -4.47
CA LYS A 80 -4.68 19.72 -4.56
C LYS A 80 -3.88 20.19 -3.31
N THR A 81 -4.39 19.94 -2.09
CA THR A 81 -3.62 20.18 -0.86
C THR A 81 -2.19 19.64 -0.99
N ALA A 82 -2.08 18.34 -1.29
CA ALA A 82 -0.75 17.75 -1.50
C ALA A 82 0.08 18.44 -2.58
N GLU A 83 -0.51 18.90 -3.69
CA GLU A 83 0.36 19.55 -4.68
C GLU A 83 0.91 20.87 -4.10
N GLU A 84 0.03 21.63 -3.45
CA GLU A 84 0.39 22.95 -2.92
C GLU A 84 1.43 22.79 -1.78
N VAL A 85 1.25 21.81 -0.88
CA VAL A 85 2.26 21.57 0.20
C VAL A 85 3.62 21.24 -0.38
N SER A 86 3.59 20.40 -1.42
N SER A 86 3.59 20.40 -1.42
CA SER A 86 4.79 19.94 -2.17
CA SER A 86 4.79 19.94 -2.17
C SER A 86 5.50 21.16 -2.77
C SER A 86 5.50 21.16 -2.77
N ALA A 87 4.61 22.06 -3.51
CA ALA A 87 5.22 23.27 -4.15
C ALA A 87 5.90 24.13 -3.09
N LEU A 88 5.27 24.31 -1.93
CA LEU A 88 5.90 25.11 -0.85
C LEU A 88 7.25 24.49 -0.49
N VAL A 89 7.31 23.18 -0.29
CA VAL A 89 8.58 22.50 0.13
C VAL A 89 9.58 22.61 -1.01
N ARG A 90 9.11 22.62 -2.24
CA ARG A 90 9.98 22.73 -3.41
C ARG A 90 10.50 24.17 -3.58
N SER A 91 9.91 25.20 -3.03
CA SER A 91 10.46 26.56 -3.21
C SER A 91 11.59 26.77 -2.21
N LEU A 92 11.55 26.06 -1.07
CA LEU A 92 12.48 26.28 0.04
C LEU A 92 13.68 25.36 -0.17
N PRO A 93 14.92 25.87 -0.11
CA PRO A 93 16.10 25.00 -0.10
C PRO A 93 16.18 23.94 1.02
N LYS A 94 17.06 22.95 0.83
CA LYS A 94 17.29 21.79 1.73
C LYS A 94 17.35 22.20 3.19
N GLU A 95 18.29 23.03 3.63
CA GLU A 95 18.38 23.45 5.06
C GLU A 95 17.04 24.06 5.50
N GLU A 96 16.43 24.89 4.66
CA GLU A 96 15.16 25.63 4.91
C GLU A 96 13.94 24.70 4.90
N GLN A 97 14.05 23.51 4.28
CA GLN A 97 12.96 22.48 4.16
C GLN A 97 12.62 21.90 5.52
N PRO A 98 11.33 21.75 5.91
CA PRO A 98 10.99 21.19 7.22
C PRO A 98 11.31 19.70 7.33
N LYS A 99 11.50 19.25 8.57
N LYS A 99 11.50 19.25 8.57
CA LYS A 99 11.83 17.85 8.95
CA LYS A 99 11.82 17.83 8.92
C LYS A 99 10.59 16.94 9.01
C LYS A 99 10.58 16.93 9.01
N GLN A 100 9.37 17.55 9.42
CA GLN A 100 8.26 16.46 9.49
C GLN A 100 6.95 17.13 9.07
N ILE A 101 6.11 16.53 8.23
CA ILE A 101 4.77 17.15 7.97
C ILE A 101 3.73 16.23 8.62
N ILE A 102 2.90 16.72 9.56
CA ILE A 102 1.86 15.99 10.30
C ILE A 102 0.52 16.44 9.75
N VAL A 103 -0.21 15.51 9.12
CA VAL A 103 -1.48 15.83 8.47
C VAL A 103 -2.53 15.59 9.51
N THR A 104 -3.48 16.47 9.61
CA THR A 104 -4.51 16.34 10.63
C THR A 104 -5.62 15.38 10.28
N ARG A 105 -5.68 14.92 9.03
CA ARG A 105 -6.65 13.93 8.59
C ARG A 105 -5.93 12.86 7.79
N LYS A 106 -6.18 11.62 8.19
CA LYS A 106 -5.52 10.44 7.65
C LYS A 106 -5.70 10.31 6.17
N ALA A 107 -6.80 10.83 5.62
CA ALA A 107 -6.95 10.71 4.18
C ALA A 107 -5.86 11.48 3.42
N MET A 108 -5.15 12.43 4.04
CA MET A 108 -4.13 13.17 3.31
C MET A 108 -2.81 12.43 3.16
N LEU A 109 -2.65 11.24 3.82
CA LEU A 109 -1.33 10.64 3.90
C LEU A 109 -0.85 10.23 2.53
N ASP A 110 -1.67 9.44 1.82
CA ASP A 110 -1.24 8.92 0.55
C ASP A 110 -1.13 10.03 -0.48
N PRO A 111 -2.06 10.95 -0.51
CA PRO A 111 -1.85 12.11 -1.41
C PRO A 111 -0.51 12.80 -1.21
N LEU A 112 -0.15 13.11 0.03
CA LEU A 112 1.09 13.83 0.23
C LEU A 112 2.28 12.93 0.00
N GLU A 113 2.20 11.70 0.51
CA GLU A 113 3.33 10.80 0.36
C GLU A 113 3.72 10.72 -1.11
N VAL A 114 2.70 10.59 -1.98
CA VAL A 114 2.94 10.53 -3.42
C VAL A 114 3.51 11.84 -3.94
N HIS A 115 2.98 12.96 -3.49
CA HIS A 115 3.49 14.26 -3.97
C HIS A 115 4.80 14.63 -3.30
N MET A 116 5.34 13.77 -2.44
CA MET A 116 6.69 13.90 -1.88
C MET A 116 7.47 12.58 -2.12
N LEU A 117 7.58 12.21 -3.36
CA LEU A 117 8.61 11.22 -3.71
C LEU A 117 9.90 12.08 -3.79
N ASP A 118 9.80 13.33 -4.24
CA ASP A 118 10.93 14.26 -4.53
C ASP A 118 11.68 14.64 -3.25
N PHE A 119 11.11 14.52 -2.06
CA PHE A 119 11.82 14.89 -0.81
C PHE A 119 11.94 13.75 0.21
N PRO A 120 12.75 12.69 -0.01
CA PRO A 120 12.98 11.59 0.98
C PRO A 120 13.44 11.78 2.43
N ASN A 121 13.78 13.00 2.85
CA ASN A 121 14.16 13.25 4.27
C ASN A 121 13.01 13.93 5.02
N ILE A 122 11.81 14.00 4.47
CA ILE A 122 10.68 14.60 5.22
C ILE A 122 9.58 13.51 5.46
N ALA A 123 9.44 12.96 6.69
CA ALA A 123 8.50 11.99 7.19
C ALA A 123 7.11 12.58 7.24
N ILE A 124 6.15 11.86 6.69
CA ILE A 124 4.76 12.27 6.68
C ILE A 124 4.02 11.58 7.81
N ARG A 125 3.40 12.32 8.74
CA ARG A 125 2.76 11.53 9.78
C ARG A 125 1.30 11.89 10.01
N PRO A 126 0.47 10.93 10.45
CA PRO A 126 -0.84 11.29 10.98
C PRO A 126 -0.75 11.63 12.47
N THR A 127 -1.92 11.93 13.05
CA THR A 127 -2.05 12.21 14.46
C THR A 127 -3.37 11.68 14.99
N GLU A 128 -3.36 11.33 16.28
N GLU A 128 -3.40 11.31 16.27
CA GLU A 128 -4.54 10.87 17.02
CA GLU A 128 -4.67 10.91 16.89
C GLU A 128 -5.26 12.00 17.76
C GLU A 128 -5.33 12.03 17.67
N LEU A 129 -4.76 13.22 17.68
CA LEU A 129 -5.43 14.37 18.26
C LEU A 129 -6.53 14.90 17.33
N ARG A 130 -7.58 15.40 17.97
CA ARG A 130 -8.76 16.03 17.35
C ARG A 130 -8.57 17.55 17.29
N LEU A 131 -7.48 17.98 16.64
CA LEU A 131 -7.05 19.37 16.68
C LEU A 131 -8.09 20.29 16.04
N PRO A 132 -8.29 21.49 16.56
CA PRO A 132 -9.42 22.31 16.09
C PRO A 132 -9.05 23.20 14.90
N PHE A 133 -8.14 22.77 14.05
CA PHE A 133 -7.71 23.78 13.10
C PHE A 133 -8.80 24.19 12.10
N SER A 134 -9.88 23.46 12.01
CA SER A 134 -10.94 23.83 11.09
C SER A 134 -11.59 25.15 11.43
N ALA A 135 -11.52 25.55 12.71
CA ALA A 135 -12.02 26.84 13.16
C ALA A 135 -11.14 27.98 12.71
N ALA A 136 -10.13 27.69 11.90
CA ALA A 136 -9.26 28.75 11.40
C ALA A 136 -10.03 29.86 10.69
N MET A 137 -11.05 29.51 9.92
CA MET A 137 -11.90 30.51 9.30
C MET A 137 -12.84 31.20 10.26
N SER A 138 -12.82 30.94 11.53
CA SER A 138 -13.52 31.83 12.44
C SER A 138 -12.63 33.00 12.84
N ILE A 139 -11.41 33.05 12.35
CA ILE A 139 -10.55 34.17 12.62
C ILE A 139 -10.78 35.24 11.55
N ASP A 140 -11.34 36.38 11.96
CA ASP A 140 -11.84 37.35 10.99
C ASP A 140 -10.81 37.70 9.94
N LYS A 141 -9.63 38.10 10.40
CA LYS A 141 -8.52 38.51 9.52
C LYS A 141 -8.32 37.43 8.47
N LEU A 142 -8.22 36.16 8.88
CA LEU A 142 -7.99 35.08 7.92
C LEU A 142 -9.23 34.85 7.02
N SER A 143 -10.44 34.82 7.61
CA SER A 143 -11.62 34.69 6.73
C SER A 143 -11.62 35.74 5.62
N ASP A 144 -11.19 36.96 5.94
CA ASP A 144 -11.40 38.09 5.02
C ASP A 144 -10.50 37.97 3.80
N VAL A 145 -9.23 37.66 4.01
CA VAL A 145 -8.31 37.51 2.89
C VAL A 145 -8.76 36.36 1.97
N VAL A 146 -9.19 35.28 2.57
CA VAL A 146 -9.67 34.17 1.70
C VAL A 146 -10.84 34.60 0.89
N MET A 147 -11.85 35.26 1.52
N MET A 147 -11.87 35.23 1.51
N MET A 147 -11.88 35.22 1.50
CA MET A 147 -13.10 35.60 0.88
CA MET A 147 -13.10 35.57 0.81
CA MET A 147 -13.08 35.53 0.75
C MET A 147 -12.94 36.69 -0.17
C MET A 147 -12.88 36.65 -0.25
C MET A 147 -12.83 36.61 -0.29
N LYS A 148 -11.94 37.57 -0.02
CA LYS A 148 -11.69 38.63 -0.98
C LYS A 148 -10.78 38.22 -2.16
N ALA A 149 -10.16 37.04 -2.17
CA ALA A 149 -9.08 36.82 -3.13
C ALA A 149 -9.66 36.62 -4.52
N THR A 150 -8.91 37.03 -5.53
CA THR A 150 -9.42 36.96 -6.91
C THR A 150 -8.67 35.97 -7.78
N GLU A 151 -7.64 35.33 -7.24
CA GLU A 151 -6.69 34.48 -7.94
C GLU A 151 -6.07 33.59 -6.87
N PRO A 152 -5.50 32.46 -7.25
CA PRO A 152 -4.61 31.76 -6.29
C PRO A 152 -3.54 32.69 -5.72
N GLN A 153 -3.31 32.56 -4.42
CA GLN A 153 -2.45 33.44 -3.66
C GLN A 153 -2.03 32.74 -2.36
N MET A 154 -0.76 32.93 -1.96
CA MET A 154 -0.17 32.51 -0.69
C MET A 154 -0.03 33.74 0.21
N VAL A 155 -0.54 33.71 1.45
CA VAL A 155 -0.31 34.83 2.41
C VAL A 155 0.41 34.28 3.64
N LEU A 156 1.33 35.07 4.20
CA LEU A 156 2.13 34.69 5.38
C LEU A 156 1.51 35.36 6.61
N PHE A 157 1.31 34.62 7.70
CA PHE A 157 0.87 35.19 8.99
C PHE A 157 1.72 34.58 10.09
N ASN A 158 1.79 35.21 11.25
CA ASN A 158 2.27 34.50 12.41
C ASN A 158 1.06 34.33 13.31
N ILE A 159 0.55 33.10 13.44
CA ILE A 159 -0.65 32.92 14.26
C ILE A 159 -0.43 33.12 15.75
N TYR A 160 0.77 33.31 16.20
CA TYR A 160 0.96 33.60 17.62
C TYR A 160 1.16 35.09 17.85
N ASP A 161 0.91 36.04 16.91
CA ASP A 161 1.26 37.47 16.96
C ASP A 161 2.64 37.57 17.58
N ASP A 162 2.83 38.37 18.63
CA ASP A 162 4.12 38.53 19.25
C ASP A 162 4.26 37.71 20.51
N TRP A 163 3.48 36.64 20.63
CA TRP A 163 3.38 35.98 21.94
C TRP A 163 4.73 35.44 22.38
N LEU A 164 5.59 35.06 21.44
CA LEU A 164 6.88 34.33 21.71
C LEU A 164 7.98 35.24 22.27
N ASP A 165 7.66 36.49 22.43
CA ASP A 165 8.46 37.43 23.20
C ASP A 165 8.24 37.25 24.67
N ARG A 166 7.19 36.52 25.06
CA ARG A 166 6.86 36.46 26.47
C ARG A 166 6.61 35.05 26.96
N ILE A 167 6.09 34.16 26.10
CA ILE A 167 5.81 32.80 26.50
C ILE A 167 6.53 31.82 25.57
N SER A 168 6.48 30.54 25.96
CA SER A 168 7.12 29.49 25.17
C SER A 168 6.21 28.96 24.07
N SER A 169 6.83 28.29 23.11
N SER A 169 6.79 28.25 23.10
CA SER A 169 6.13 27.63 21.99
CA SER A 169 5.99 27.69 21.99
C SER A 169 5.02 26.75 22.55
C SER A 169 4.96 26.71 22.54
N TYR A 170 5.33 25.93 23.56
CA TYR A 170 4.38 25.01 24.16
C TYR A 170 3.19 25.77 24.64
N THR A 171 3.47 26.93 25.24
CA THR A 171 2.42 27.71 25.89
C THR A 171 1.65 28.47 24.84
N ALA A 172 2.35 28.95 23.81
CA ALA A 172 1.72 29.62 22.68
C ALA A 172 0.78 28.63 21.97
N PHE A 173 1.17 27.36 21.87
CA PHE A 173 0.37 26.42 21.10
C PHE A 173 -0.87 25.98 21.89
N SER A 174 -0.75 25.76 23.22
CA SER A 174 -1.89 25.47 24.07
C SER A 174 -2.92 26.61 24.05
N ARG A 175 -2.45 27.86 24.09
CA ARG A 175 -3.38 28.97 23.96
C ARG A 175 -4.07 28.92 22.59
N LEU A 176 -3.29 28.81 21.52
CA LEU A 176 -3.94 28.80 20.22
C LEU A 176 -4.99 27.71 20.15
N THR A 177 -4.67 26.52 20.62
CA THR A 177 -5.65 25.45 20.45
C THR A 177 -6.86 25.65 21.36
N LEU A 178 -6.67 26.18 22.54
CA LEU A 178 -7.83 26.53 23.36
C LEU A 178 -8.71 27.58 22.67
N LEU A 179 -8.09 28.59 22.09
CA LEU A 179 -8.87 29.60 21.37
C LEU A 179 -9.67 29.01 20.24
N LEU A 180 -9.03 28.12 19.48
CA LEU A 180 -9.68 27.55 18.32
C LEU A 180 -10.71 26.53 18.74
N ARG A 181 -10.44 25.81 19.84
CA ARG A 181 -11.45 24.89 20.33
C ARG A 181 -12.69 25.65 20.77
N ALA A 182 -12.50 26.76 21.51
CA ALA A 182 -13.64 27.61 21.88
C ALA A 182 -14.45 28.01 20.65
N LEU A 183 -13.73 28.54 19.69
CA LEU A 183 -14.36 29.08 18.49
C LEU A 183 -15.19 28.01 17.81
N LYS A 184 -14.68 26.79 17.77
CA LYS A 184 -15.38 25.74 17.04
C LYS A 184 -16.67 25.33 17.73
N THR A 185 -16.65 25.32 19.05
N THR A 185 -16.67 25.32 19.05
CA THR A 185 -17.77 24.76 19.82
CA THR A 185 -17.79 24.74 19.78
C THR A 185 -18.93 25.72 19.92
C THR A 185 -18.94 25.72 19.92
N ASN A 186 -18.63 27.02 19.99
CA ASN A 186 -19.69 28.03 20.02
C ASN A 186 -19.01 29.32 19.59
N GLU A 187 -19.08 29.60 18.28
CA GLU A 187 -18.30 30.70 17.75
C GLU A 187 -18.75 32.01 18.37
N GLU A 188 -20.06 32.22 18.50
CA GLU A 188 -20.56 33.52 18.97
C GLU A 188 -20.04 33.82 20.38
N SER A 189 -20.23 32.87 21.29
CA SER A 189 -19.65 33.06 22.61
C SER A 189 -18.14 33.28 22.53
N ALA A 190 -17.42 32.38 21.86
CA ALA A 190 -15.97 32.56 21.75
C ALA A 190 -15.63 33.99 21.38
N LYS A 191 -16.31 34.52 20.35
CA LYS A 191 -15.98 35.84 19.84
C LYS A 191 -16.37 36.93 20.83
N MET A 192 -17.55 36.82 21.43
CA MET A 192 -17.93 37.79 22.45
CA MET A 192 -17.93 37.78 22.46
C MET A 192 -16.78 37.94 23.44
N ILE A 193 -16.34 36.83 24.02
CA ILE A 193 -15.30 36.88 25.05
C ILE A 193 -14.05 37.61 24.56
N LEU A 194 -13.72 37.52 23.28
CA LEU A 194 -12.47 38.14 22.82
C LEU A 194 -12.62 39.65 22.69
N LEU A 195 -13.81 40.14 22.34
CA LEU A 195 -14.01 41.54 22.07
C LEU A 195 -14.76 42.28 23.17
N SER A 196 -15.00 41.63 24.30
CA SER A 196 -15.80 42.25 25.37
C SER A 196 -15.28 43.65 25.68
N ASP A 197 -14.04 43.73 26.16
CA ASP A 197 -13.38 44.96 26.59
C ASP A 197 -12.98 45.80 25.37
N PRO A 198 -13.69 46.91 25.11
CA PRO A 198 -13.34 47.71 23.92
C PRO A 198 -11.98 48.36 24.01
N THR A 199 -11.43 48.54 25.20
CA THR A 199 -10.13 49.21 25.27
C THR A 199 -9.04 48.37 24.62
N ILE A 200 -9.21 47.05 24.58
CA ILE A 200 -8.20 46.15 24.02
C ILE A 200 -8.37 46.06 22.52
N THR A 201 -7.32 46.42 21.80
CA THR A 201 -7.35 46.46 20.34
C THR A 201 -6.57 45.30 19.76
N ILE A 202 -7.38 44.91 18.78
CA ILE A 202 -7.12 43.93 17.72
C ILE A 202 -6.48 44.89 16.76
N LYS A 203 -5.16 45.02 16.78
CA LYS A 203 -4.42 45.90 15.89
C LYS A 203 -4.61 45.31 14.49
N SER A 204 -4.70 46.10 13.44
CA SER A 204 -4.98 45.61 12.05
C SER A 204 -4.11 44.43 11.61
N TYR A 205 -2.85 44.39 11.97
CA TYR A 205 -1.88 43.35 11.56
C TYR A 205 -1.96 42.13 12.49
N HIS A 206 -2.84 42.13 13.50
CA HIS A 206 -3.09 41.01 14.45
C HIS A 206 -4.43 40.27 14.33
N LEU A 207 -4.48 38.94 14.48
CA LEU A 207 -5.79 38.24 14.57
C LEU A 207 -6.34 38.47 15.97
N TRP A 208 -5.46 38.38 16.98
CA TRP A 208 -5.74 38.42 18.44
C TRP A 208 -5.43 39.75 19.12
N PRO A 209 -6.37 40.20 20.00
CA PRO A 209 -6.19 41.36 20.87
C PRO A 209 -4.82 41.30 21.55
N SER A 210 -4.37 42.51 21.90
CA SER A 210 -3.11 42.75 22.60
C SER A 210 -3.37 42.68 24.11
N PHE A 211 -3.66 41.47 24.61
CA PHE A 211 -3.87 41.34 26.06
C PHE A 211 -2.57 41.44 26.85
N THR A 212 -2.71 41.79 28.12
CA THR A 212 -1.63 41.58 29.08
C THR A 212 -1.63 40.12 29.52
N ASP A 213 -0.55 39.73 30.21
CA ASP A 213 -0.49 38.37 30.74
C ASP A 213 -1.73 38.07 31.57
N GLU A 214 -2.13 39.02 32.40
CA GLU A 214 -3.21 38.83 33.35
C GLU A 214 -4.53 38.72 32.62
N GLN A 215 -4.69 39.52 31.57
CA GLN A 215 -5.88 39.44 30.75
C GLN A 215 -5.91 38.14 29.96
N TRP A 216 -4.76 37.62 29.55
CA TRP A 216 -4.75 36.34 28.85
C TRP A 216 -5.23 35.20 29.77
N ILE A 217 -4.82 35.25 31.03
CA ILE A 217 -5.27 34.29 32.05
C ILE A 217 -6.78 34.33 32.22
N THR A 218 -7.35 35.52 32.31
CA THR A 218 -8.80 35.64 32.41
C THR A 218 -9.47 35.14 31.14
N ILE A 219 -9.00 35.61 29.99
CA ILE A 219 -9.50 35.09 28.73
C ILE A 219 -9.39 33.58 28.72
N GLU A 220 -8.22 33.03 29.02
CA GLU A 220 -8.05 31.59 28.90
C GLU A 220 -9.04 30.85 29.80
N SER A 221 -9.27 31.34 31.01
N SER A 221 -9.23 31.32 31.04
CA SER A 221 -10.24 30.70 31.89
CA SER A 221 -10.24 30.73 31.92
C SER A 221 -11.66 30.80 31.35
C SER A 221 -11.63 30.77 31.29
N GLN A 222 -12.00 31.91 30.70
CA GLN A 222 -13.36 32.08 30.17
C GLN A 222 -13.62 31.14 29.00
N MET A 223 -12.61 30.92 28.17
CA MET A 223 -12.69 29.91 27.13
C MET A 223 -12.86 28.50 27.72
N ARG A 224 -12.12 28.17 28.78
N ARG A 224 -12.14 28.17 28.79
CA ARG A 224 -12.30 26.88 29.44
CA ARG A 224 -12.33 26.84 29.39
C ARG A 224 -13.74 26.71 29.87
C ARG A 224 -13.75 26.68 29.90
N ASP A 225 -14.25 27.66 30.64
CA ASP A 225 -15.64 27.61 31.05
CA ASP A 225 -15.65 27.66 31.04
C ASP A 225 -16.57 27.44 29.85
N LEU A 226 -16.32 28.17 28.76
CA LEU A 226 -17.17 27.96 27.60
C LEU A 226 -17.08 26.53 27.12
N ILE A 227 -15.87 26.01 26.96
CA ILE A 227 -15.73 24.69 26.36
C ILE A 227 -16.40 23.64 27.23
N LEU A 228 -16.21 23.74 28.55
CA LEU A 228 -16.89 22.88 29.50
C LEU A 228 -18.41 22.96 29.35
N THR A 229 -18.95 24.17 29.24
CA THR A 229 -20.41 24.32 29.25
C THR A 229 -21.04 23.75 27.98
N GLU A 230 -20.53 24.12 26.81
CA GLU A 230 -21.13 23.59 25.59
C GLU A 230 -21.17 22.07 25.60
N TYR A 231 -20.27 21.43 26.36
CA TYR A 231 -20.28 19.96 26.49
C TYR A 231 -21.49 19.48 27.28
N GLY A 232 -21.85 20.19 28.35
CA GLY A 232 -23.06 19.92 29.10
C GLY A 232 -24.30 20.21 28.28
N ARG A 233 -24.45 21.45 27.80
CA ARG A 233 -25.55 21.82 26.90
C ARG A 233 -25.79 20.77 25.82
N LYS A 234 -24.76 20.01 25.47
CA LYS A 234 -24.84 19.01 24.41
C LYS A 234 -25.11 17.61 24.91
N TYR A 235 -24.60 17.24 26.08
CA TYR A 235 -24.90 15.96 26.68
C TYR A 235 -25.80 16.06 27.91
N ASN A 236 -26.15 17.27 28.35
CA ASN A 236 -26.89 17.48 29.58
C ASN A 236 -26.18 16.83 30.76
N VAL A 237 -25.37 17.62 31.49
CA VAL A 237 -24.71 17.15 32.71
C VAL A 237 -24.73 18.26 33.78
N MET B 5 6.82 -39.65 -22.13
CA MET B 5 6.68 -39.69 -20.65
C MET B 5 8.05 -39.67 -19.96
N ASN B 6 8.24 -38.76 -19.01
CA ASN B 6 9.53 -38.59 -18.37
C ASN B 6 9.50 -39.08 -16.93
N THR B 7 10.69 -39.33 -16.39
CA THR B 7 10.79 -40.00 -15.10
C THR B 7 11.74 -39.18 -14.23
N VAL B 8 11.42 -39.11 -12.94
CA VAL B 8 12.36 -38.49 -12.01
C VAL B 8 12.65 -39.61 -11.01
N PRO B 9 13.77 -40.31 -11.17
CA PRO B 9 14.09 -41.40 -10.25
C PRO B 9 14.62 -40.90 -8.91
N PHE B 10 14.36 -41.68 -7.86
CA PHE B 10 14.91 -41.34 -6.53
C PHE B 10 15.89 -42.41 -6.08
N THR B 11 17.08 -41.99 -5.66
CA THR B 11 18.05 -42.96 -5.20
C THR B 11 17.50 -43.81 -4.04
N SER B 12 16.84 -43.19 -3.08
CA SER B 12 16.29 -43.92 -1.93
C SER B 12 15.45 -42.94 -1.13
N ALA B 13 14.83 -43.43 -0.06
CA ALA B 13 13.91 -42.64 0.74
C ALA B 13 14.29 -42.81 2.20
N PRO B 14 15.44 -42.29 2.62
CA PRO B 14 15.91 -42.62 3.97
C PRO B 14 15.02 -42.09 5.08
N ILE B 15 14.39 -40.95 4.90
CA ILE B 15 13.68 -40.37 6.02
C ILE B 15 12.21 -40.22 5.67
N GLU B 16 11.38 -40.33 6.70
CA GLU B 16 9.94 -40.17 6.50
C GLU B 16 9.63 -38.75 5.95
N VAL B 17 8.89 -38.68 4.83
CA VAL B 17 8.71 -37.42 4.10
C VAL B 17 7.37 -37.43 3.33
N THR B 18 6.77 -36.24 3.17
CA THR B 18 5.64 -36.09 2.25
C THR B 18 6.19 -35.47 0.97
N ILE B 19 6.05 -36.22 -0.11
CA ILE B 19 6.58 -35.86 -1.40
C ILE B 19 5.43 -35.37 -2.25
N GLY B 20 5.67 -34.27 -2.93
CA GLY B 20 4.70 -33.70 -3.82
C GLY B 20 5.27 -33.58 -5.22
N ILE B 21 4.41 -33.74 -6.20
CA ILE B 21 4.76 -33.49 -7.59
C ILE B 21 3.59 -32.68 -8.12
N ASP B 22 3.83 -31.46 -8.53
CA ASP B 22 2.73 -30.57 -8.93
C ASP B 22 1.71 -30.61 -7.79
N GLN B 23 0.43 -30.81 -8.06
CA GLN B 23 -0.63 -30.72 -7.05
C GLN B 23 -0.97 -32.06 -6.38
N TYR B 24 -0.09 -33.06 -6.50
CA TYR B 24 -0.27 -34.45 -6.09
C TYR B 24 0.79 -34.74 -5.02
N SER B 25 0.45 -35.58 -4.06
CA SER B 25 1.40 -35.79 -2.98
C SER B 25 1.09 -37.10 -2.30
N PHE B 26 2.11 -37.77 -1.78
CA PHE B 26 1.89 -39.05 -1.14
C PHE B 26 2.88 -39.21 0.01
N ASN B 27 2.48 -39.96 1.03
CA ASN B 27 3.34 -40.20 2.21
C ASN B 27 4.29 -41.35 1.95
N VAL B 28 5.56 -41.09 2.21
CA VAL B 28 6.62 -42.10 2.12
C VAL B 28 7.23 -42.31 3.49
N LYS B 29 7.27 -43.56 3.93
CA LYS B 29 7.75 -43.99 5.25
C LYS B 29 9.27 -44.10 5.21
N GLU B 30 9.89 -43.92 6.37
CA GLU B 30 11.34 -44.09 6.46
C GLU B 30 11.79 -45.45 5.93
N ASN B 31 12.76 -45.41 5.01
CA ASN B 31 13.30 -46.56 4.29
C ASN B 31 12.24 -47.40 3.58
N GLN B 32 11.04 -46.87 3.43
CA GLN B 32 10.13 -47.44 2.46
C GLN B 32 10.82 -47.51 1.10
N PRO B 33 10.67 -48.62 0.36
CA PRO B 33 11.32 -48.71 -0.96
C PRO B 33 10.60 -47.85 -2.01
N PHE B 34 11.18 -46.69 -2.32
CA PHE B 34 10.54 -45.72 -3.20
C PHE B 34 11.61 -45.18 -4.12
N HIS B 35 11.43 -45.37 -5.43
CA HIS B 35 12.46 -44.93 -6.35
C HIS B 35 11.97 -44.05 -7.49
N GLY B 36 10.96 -43.22 -7.25
CA GLY B 36 10.79 -41.99 -7.98
C GLY B 36 9.44 -41.87 -8.63
N ILE B 37 9.37 -41.02 -9.64
CA ILE B 37 8.08 -40.64 -10.23
C ILE B 37 8.15 -40.75 -11.76
N LYS B 38 7.24 -41.53 -12.30
CA LYS B 38 7.16 -41.79 -13.75
C LYS B 38 5.92 -41.10 -14.33
N ASP B 39 5.89 -41.04 -15.69
CA ASP B 39 4.74 -40.63 -16.54
C ASP B 39 4.42 -39.14 -16.40
N ILE B 40 5.46 -38.40 -16.13
CA ILE B 40 5.39 -36.98 -15.82
C ILE B 40 5.17 -36.32 -17.18
N PRO B 41 4.10 -35.55 -17.37
CA PRO B 41 3.83 -35.01 -18.71
C PRO B 41 4.94 -34.11 -19.19
N ILE B 42 5.54 -34.50 -20.30
CA ILE B 42 6.47 -33.61 -20.97
C ILE B 42 5.68 -32.43 -21.52
N GLY B 43 6.34 -31.30 -21.54
CA GLY B 43 5.82 -30.14 -22.20
C GLY B 43 5.49 -29.03 -21.27
N HIS B 44 5.50 -29.26 -19.91
CA HIS B 44 5.25 -28.25 -18.92
C HIS B 44 6.42 -28.20 -17.92
N VAL B 45 6.52 -27.05 -17.24
N VAL B 45 6.54 -27.04 -17.24
CA VAL B 45 7.36 -26.98 -16.04
CA VAL B 45 7.39 -27.03 -16.02
C VAL B 45 6.68 -27.76 -14.92
C VAL B 45 6.68 -27.84 -14.95
N HIS B 46 7.47 -28.36 -14.03
CA HIS B 46 6.92 -29.10 -12.89
C HIS B 46 7.58 -28.64 -11.60
N VAL B 47 6.98 -28.96 -10.48
CA VAL B 47 7.70 -28.81 -9.22
C VAL B 47 7.60 -30.09 -8.38
N ILE B 48 8.74 -30.56 -7.90
N ILE B 48 8.77 -30.61 -7.97
CA ILE B 48 8.79 -31.66 -6.94
CA ILE B 48 8.83 -31.66 -6.96
C ILE B 48 9.30 -31.14 -5.60
C ILE B 48 9.20 -30.99 -5.63
N HIS B 49 8.54 -31.42 -4.55
CA HIS B 49 8.70 -30.79 -3.26
C HIS B 49 8.48 -31.74 -2.10
N PHE B 50 8.89 -31.26 -0.93
CA PHE B 50 9.13 -32.14 0.20
C PHE B 50 8.76 -31.50 1.52
N GLN B 51 8.19 -32.31 2.42
CA GLN B 51 8.01 -31.84 3.79
C GLN B 51 8.29 -32.97 4.78
N HIS B 52 9.40 -32.88 5.49
CA HIS B 52 9.74 -33.98 6.39
C HIS B 52 8.68 -34.18 7.47
N ALA B 53 8.42 -35.48 7.73
CA ALA B 53 7.56 -35.95 8.81
C ALA B 53 7.94 -35.33 10.14
N ASP B 54 9.22 -35.07 10.36
CA ASP B 54 9.66 -34.62 11.68
C ASP B 54 9.59 -33.12 11.83
N ASN B 55 9.95 -32.37 10.79
CA ASN B 55 10.00 -30.92 10.81
C ASN B 55 9.12 -30.40 9.68
N SER B 56 7.84 -30.19 9.96
CA SER B 56 6.96 -29.54 9.00
C SER B 56 7.34 -28.08 8.76
N SER B 57 8.30 -27.53 9.51
CA SER B 57 8.98 -26.33 9.08
C SER B 57 9.78 -26.62 7.82
N MET B 58 10.06 -25.57 7.04
N MET B 58 10.00 -25.55 7.04
CA MET B 58 10.78 -25.77 5.79
CA MET B 58 10.70 -25.61 5.77
C MET B 58 10.03 -26.80 4.93
C MET B 58 10.10 -26.70 4.88
N ARG B 59 9.04 -26.35 4.16
CA ARG B 59 8.72 -27.03 2.91
C ARG B 59 9.79 -26.57 1.94
N TYR B 60 10.24 -27.46 1.05
CA TYR B 60 11.19 -27.09 0.00
C TYR B 60 10.97 -27.96 -1.23
N GLY B 61 11.60 -27.57 -2.34
CA GLY B 61 11.25 -28.09 -3.68
C GLY B 61 12.08 -27.53 -4.81
N TYR B 62 11.88 -28.13 -5.98
CA TYR B 62 12.69 -27.94 -7.17
C TYR B 62 11.78 -27.80 -8.39
N TRP B 63 11.85 -26.63 -9.06
CA TRP B 63 11.21 -26.36 -10.34
C TRP B 63 12.10 -26.96 -11.43
N PHE B 64 11.51 -27.69 -12.36
CA PHE B 64 12.37 -28.25 -13.41
C PHE B 64 11.55 -28.46 -14.71
N ASP B 65 12.22 -28.70 -15.83
CA ASP B 65 11.60 -28.96 -17.15
C ASP B 65 12.37 -30.16 -17.68
N CYS B 66 11.75 -31.35 -17.61
CA CYS B 66 12.33 -32.56 -18.21
C CYS B 66 12.88 -32.39 -19.61
N ARG B 67 12.54 -31.34 -20.32
CA ARG B 67 13.14 -31.26 -21.65
C ARG B 67 14.58 -30.80 -21.56
N MET B 68 15.00 -30.26 -20.42
N MET B 68 14.99 -30.24 -20.42
CA MET B 68 16.32 -29.65 -20.26
CA MET B 68 16.32 -29.64 -20.30
C MET B 68 17.35 -30.59 -19.65
C MET B 68 17.38 -30.64 -19.85
N GLY B 69 17.00 -31.84 -19.45
CA GLY B 69 17.96 -32.83 -18.97
C GLY B 69 17.28 -33.90 -18.15
N ASN B 70 18.10 -34.88 -17.73
CA ASN B 70 17.67 -35.95 -16.85
C ASN B 70 18.00 -35.58 -15.41
N PHE B 71 16.98 -35.59 -14.53
CA PHE B 71 17.09 -35.09 -13.16
C PHE B 71 16.69 -36.25 -12.30
N TYR B 72 17.35 -36.34 -11.17
CA TYR B 72 17.06 -37.34 -10.16
C TYR B 72 17.22 -36.75 -8.76
N ILE B 73 16.57 -37.42 -7.81
CA ILE B 73 16.63 -37.09 -6.37
C ILE B 73 17.49 -38.11 -5.62
N GLN B 74 18.27 -37.59 -4.66
CA GLN B 74 19.22 -38.33 -3.82
C GLN B 74 19.20 -37.58 -2.49
N TYR B 75 18.87 -38.28 -1.39
CA TYR B 75 18.96 -37.69 -0.03
C TYR B 75 20.43 -37.45 0.36
N ASP B 76 20.69 -36.32 1.04
CA ASP B 76 22.04 -35.92 1.44
C ASP B 76 22.05 -35.90 2.99
N PRO B 77 22.60 -36.93 3.63
CA PRO B 77 22.59 -36.98 5.11
C PRO B 77 23.51 -35.96 5.76
N LYS B 78 24.34 -35.24 4.97
CA LYS B 78 25.10 -34.13 5.52
C LYS B 78 24.24 -32.88 5.65
N ASP B 79 23.57 -32.45 4.56
CA ASP B 79 22.74 -31.25 4.59
C ASP B 79 21.33 -31.62 5.02
N GLY B 80 21.00 -32.90 5.08
CA GLY B 80 19.71 -33.28 5.60
C GLY B 80 18.54 -32.97 4.70
N LEU B 81 18.67 -33.17 3.39
CA LEU B 81 17.50 -32.91 2.54
C LEU B 81 17.60 -33.69 1.24
N TYR B 82 16.44 -33.87 0.59
CA TYR B 82 16.39 -34.51 -0.72
C TYR B 82 16.86 -33.53 -1.78
N LYS B 83 17.92 -33.90 -2.47
CA LYS B 83 18.56 -32.99 -3.42
C LYS B 83 18.30 -33.41 -4.87
N MET B 84 17.91 -32.43 -5.70
CA MET B 84 17.78 -32.68 -7.14
C MET B 84 19.17 -32.58 -7.76
N MET B 85 19.49 -33.51 -8.64
CA MET B 85 20.78 -33.55 -9.32
C MET B 85 20.57 -33.93 -10.76
N GLU B 86 21.53 -33.59 -11.62
CA GLU B 86 21.44 -33.90 -13.05
C GLU B 86 22.34 -35.08 -13.35
N GLU B 87 21.87 -36.01 -14.17
CA GLU B 87 22.74 -37.06 -14.70
C GLU B 87 23.05 -36.69 -16.15
N ARG B 88 24.32 -36.58 -16.47
CA ARG B 88 24.68 -36.28 -17.85
C ARG B 88 24.92 -37.54 -18.69
N ASP B 89 25.20 -38.69 -18.07
CA ASP B 89 25.41 -39.95 -18.80
C ASP B 89 24.05 -40.54 -19.17
N GLY B 90 23.59 -40.23 -20.37
CA GLY B 90 22.25 -40.60 -20.76
C GLY B 90 21.95 -42.08 -20.66
N ALA B 91 22.98 -42.93 -20.78
CA ALA B 91 22.79 -44.38 -20.77
C ALA B 91 22.79 -44.92 -19.34
N LYS B 92 23.65 -44.37 -18.48
CA LYS B 92 23.50 -44.64 -17.06
C LYS B 92 22.10 -44.27 -16.58
N PHE B 93 21.48 -43.27 -17.20
CA PHE B 93 20.18 -42.80 -16.73
C PHE B 93 19.04 -43.69 -17.21
N GLU B 94 18.96 -43.96 -18.52
CA GLU B 94 17.91 -44.84 -19.01
C GLU B 94 17.95 -46.18 -18.28
N ASN B 95 19.17 -46.69 -18.03
CA ASN B 95 19.33 -48.00 -17.41
C ASN B 95 18.80 -48.02 -15.98
N ILE B 96 19.19 -47.02 -15.20
CA ILE B 96 18.67 -46.90 -13.85
C ILE B 96 17.15 -46.87 -13.89
N VAL B 97 16.60 -46.05 -14.78
CA VAL B 97 15.15 -45.81 -14.78
C VAL B 97 14.43 -47.10 -15.14
N HIS B 98 14.81 -47.71 -16.26
CA HIS B 98 14.23 -48.97 -16.70
C HIS B 98 14.22 -50.03 -15.59
N ASN B 99 15.37 -50.27 -14.98
CA ASN B 99 15.40 -51.21 -13.87
C ASN B 99 14.34 -50.88 -12.81
N PHE B 100 14.15 -49.60 -12.48
CA PHE B 100 13.25 -49.25 -11.38
C PHE B 100 11.79 -49.47 -11.77
N LYS B 101 11.47 -49.20 -13.04
CA LYS B 101 10.12 -49.49 -13.53
C LYS B 101 9.84 -50.98 -13.55
N GLU B 102 10.83 -51.78 -14.01
CA GLU B 102 10.62 -53.24 -14.07
C GLU B 102 10.29 -53.78 -12.69
N ARG B 103 11.04 -53.38 -11.67
CA ARG B 103 10.70 -53.74 -10.30
C ARG B 103 9.49 -52.99 -9.78
N GLN B 104 8.93 -52.08 -10.60
CA GLN B 104 7.74 -51.29 -10.27
C GLN B 104 7.87 -50.59 -8.92
N MET B 105 8.98 -49.92 -8.71
CA MET B 105 9.13 -49.17 -7.47
C MET B 105 8.83 -47.70 -7.67
N MET B 106 8.14 -47.33 -8.74
CA MET B 106 7.85 -45.93 -9.04
C MET B 106 6.36 -45.66 -8.98
N VAL B 107 5.97 -44.53 -8.40
CA VAL B 107 4.58 -44.11 -8.46
C VAL B 107 4.37 -43.39 -9.79
N SER B 108 3.11 -43.26 -10.22
CA SER B 108 2.78 -42.82 -11.57
C SER B 108 2.15 -41.43 -11.51
N TYR B 109 2.75 -40.46 -12.20
CA TYR B 109 2.14 -39.12 -12.12
C TYR B 109 0.65 -39.27 -12.36
N PRO B 110 -0.21 -38.98 -11.42
CA PRO B 110 -1.56 -39.52 -11.50
C PRO B 110 -2.52 -38.60 -12.24
N LYS B 111 -2.24 -38.36 -13.52
CA LYS B 111 -2.98 -37.34 -14.25
C LYS B 111 -4.28 -37.92 -14.81
N ILE B 112 -5.40 -37.34 -14.35
CA ILE B 112 -6.69 -37.47 -15.01
C ILE B 112 -6.68 -36.72 -16.33
N ASP B 113 -7.21 -37.36 -17.39
CA ASP B 113 -7.12 -36.84 -18.75
C ASP B 113 -8.19 -35.80 -19.09
N GLU B 114 -9.22 -35.63 -18.25
CA GLU B 114 -10.12 -34.49 -18.34
C GLU B 114 -9.56 -33.27 -17.62
N ASP B 115 -8.62 -33.50 -16.72
CA ASP B 115 -8.11 -32.45 -15.86
C ASP B 115 -7.06 -31.64 -16.60
N ASP B 116 -7.32 -30.34 -16.81
CA ASP B 116 -6.30 -29.42 -17.30
C ASP B 116 -5.79 -28.51 -16.17
N THR B 117 -6.15 -28.76 -14.93
CA THR B 117 -5.62 -27.95 -13.82
C THR B 117 -4.17 -27.49 -13.95
N TRP B 118 -3.20 -28.39 -14.18
CA TRP B 118 -1.78 -27.99 -14.02
C TRP B 118 -1.35 -27.17 -15.22
N TYR B 119 -1.86 -27.56 -16.38
CA TYR B 119 -1.72 -26.74 -17.55
C TYR B 119 -2.20 -25.33 -17.29
N ASN B 120 -3.38 -25.17 -16.73
CA ASN B 120 -3.93 -23.85 -16.53
C ASN B 120 -3.16 -23.08 -15.46
N LEU B 121 -2.53 -23.77 -14.51
CA LEU B 121 -1.79 -23.11 -13.41
C LEU B 121 -0.40 -22.67 -13.84
N THR B 122 0.12 -23.32 -14.88
CA THR B 122 1.44 -23.05 -15.42
C THR B 122 1.47 -22.55 -16.85
N GLU B 123 0.34 -22.24 -17.47
CA GLU B 123 0.31 -21.85 -18.90
C GLU B 123 1.46 -20.96 -19.33
N PHE B 124 1.78 -19.93 -18.52
CA PHE B 124 2.75 -18.92 -18.94
C PHE B 124 4.07 -19.03 -18.26
N VAL B 125 4.29 -20.09 -17.51
CA VAL B 125 5.51 -20.21 -16.70
C VAL B 125 6.57 -20.95 -17.51
N GLN B 126 7.74 -20.35 -17.62
N GLN B 126 7.71 -20.30 -17.70
CA GLN B 126 8.80 -20.91 -18.43
CA GLN B 126 8.82 -20.89 -18.41
C GLN B 126 10.07 -20.98 -17.59
C GLN B 126 9.99 -21.07 -17.45
N MET B 127 10.81 -22.09 -17.69
CA MET B 127 11.99 -22.30 -16.86
C MET B 127 13.00 -21.19 -17.08
N ASP B 128 13.15 -20.71 -18.32
CA ASP B 128 14.10 -19.63 -18.55
C ASP B 128 13.80 -18.45 -17.61
N LYS B 129 12.51 -18.10 -17.47
CA LYS B 129 12.18 -17.00 -16.58
C LYS B 129 12.36 -17.40 -15.11
N ILE B 130 11.91 -18.60 -14.72
CA ILE B 130 12.16 -19.05 -13.33
C ILE B 130 13.60 -18.87 -12.99
N ARG B 131 14.47 -19.20 -13.93
CA ARG B 131 15.90 -19.25 -13.68
C ARG B 131 16.51 -17.87 -13.42
N LYS B 132 15.84 -16.80 -13.85
CA LYS B 132 16.20 -15.42 -13.57
C LYS B 132 15.62 -14.92 -12.25
N ILE B 133 14.58 -15.55 -11.74
CA ILE B 133 14.07 -15.20 -10.43
C ILE B 133 14.84 -15.94 -9.34
N VAL B 134 15.20 -17.19 -9.59
CA VAL B 134 15.94 -18.01 -8.65
C VAL B 134 17.31 -18.24 -9.27
N ARG B 135 18.28 -17.43 -8.88
CA ARG B 135 19.58 -17.42 -9.56
C ARG B 135 20.51 -18.45 -8.92
N LYS B 136 20.93 -19.42 -9.73
CA LYS B 136 21.84 -20.50 -9.35
C LYS B 136 22.15 -21.26 -10.62
N ASP B 137 23.01 -20.68 -11.46
CA ASP B 137 23.03 -21.02 -12.88
C ASP B 137 23.84 -22.27 -13.21
N GLU B 138 24.59 -22.83 -12.26
CA GLU B 138 25.21 -24.11 -12.57
C GLU B 138 24.17 -25.23 -12.67
N ASN B 139 22.98 -25.02 -12.11
CA ASN B 139 21.89 -25.98 -12.20
C ASN B 139 20.80 -25.50 -13.15
N GLN B 140 20.18 -26.46 -13.83
CA GLN B 140 19.10 -26.22 -14.80
C GLN B 140 17.72 -26.24 -14.17
N PHE B 141 17.66 -26.71 -12.93
CA PHE B 141 16.50 -26.68 -12.07
C PHE B 141 16.73 -25.67 -10.94
N SER B 142 15.65 -25.32 -10.21
CA SER B 142 15.66 -24.16 -9.32
C SER B 142 15.06 -24.49 -7.97
N TYR B 143 15.87 -24.35 -6.92
CA TYR B 143 15.43 -24.59 -5.55
C TYR B 143 14.62 -23.43 -4.97
N VAL B 144 13.50 -23.77 -4.28
CA VAL B 144 12.74 -22.83 -3.44
C VAL B 144 12.35 -23.49 -2.11
N ASP B 145 12.15 -22.64 -1.06
CA ASP B 145 11.65 -23.12 0.21
C ASP B 145 10.86 -22.02 0.94
N SER B 146 10.27 -22.40 2.08
CA SER B 146 9.36 -21.56 2.85
C SER B 146 10.02 -20.23 3.24
N SER B 147 11.31 -20.26 3.55
CA SER B 147 11.89 -19.12 4.23
C SER B 147 12.57 -18.13 3.29
N MET B 148 12.73 -18.46 2.00
CA MET B 148 13.46 -17.53 1.13
C MET B 148 12.72 -16.16 1.01
N THR B 149 13.50 -15.09 1.09
CA THR B 149 12.96 -13.75 1.03
C THR B 149 13.14 -13.24 -0.38
N THR B 150 12.33 -12.26 -0.72
CA THR B 150 12.37 -11.63 -2.04
C THR B 150 13.39 -10.49 -2.03
N VAL B 151 13.81 -10.09 -3.24
CA VAL B 151 14.65 -8.91 -3.38
C VAL B 151 13.99 -7.67 -2.76
N GLN B 152 12.67 -7.59 -2.82
CA GLN B 152 12.03 -6.39 -2.31
C GLN B 152 11.92 -6.44 -0.80
N GLU B 153 11.77 -7.65 -0.24
CA GLU B 153 11.77 -7.82 1.21
C GLU B 153 13.12 -7.42 1.77
N ASN B 154 14.21 -7.87 1.14
CA ASN B 154 15.55 -7.53 1.60
C ASN B 154 15.85 -6.04 1.49
N GLU B 155 14.98 -5.25 0.87
CA GLU B 155 15.23 -3.82 0.80
C GLU B 155 14.85 -3.13 2.09
N LEU B 156 13.63 -3.38 2.58
CA LEU B 156 13.08 -2.67 3.73
C LEU B 156 13.20 -3.46 5.03
N SER B 161 18.26 -11.33 4.06
CA SER B 161 19.52 -10.61 3.96
C SER B 161 20.45 -11.27 2.92
N ASP B 162 20.53 -12.60 2.89
CA ASP B 162 21.47 -13.28 1.97
C ASP B 162 20.93 -13.25 0.54
N PRO B 163 21.65 -12.64 -0.42
CA PRO B 163 21.08 -12.45 -1.76
C PRO B 163 21.16 -13.68 -2.66
N ALA B 164 22.21 -14.50 -2.50
CA ALA B 164 22.32 -15.72 -3.29
C ALA B 164 21.04 -16.53 -3.21
N HIS B 165 20.31 -16.36 -2.10
CA HIS B 165 19.15 -17.15 -1.76
C HIS B 165 17.86 -16.33 -1.82
N SER B 166 17.86 -15.22 -2.56
CA SER B 166 16.68 -14.40 -2.71
C SER B 166 15.80 -14.85 -3.91
N LEU B 167 14.53 -14.45 -3.87
CA LEU B 167 13.61 -14.52 -5.01
C LEU B 167 13.62 -13.16 -5.72
N ASN B 168 14.21 -13.12 -6.89
N ASN B 168 14.17 -13.15 -6.92
CA ASN B 168 14.40 -11.85 -7.61
CA ASN B 168 14.38 -11.93 -7.71
C ASN B 168 13.17 -11.50 -8.46
C ASN B 168 13.13 -11.57 -8.51
N TYR B 169 12.01 -11.43 -7.80
CA TYR B 169 10.79 -11.03 -8.48
C TYR B 169 10.89 -9.58 -8.93
N THR B 170 10.02 -9.21 -9.89
CA THR B 170 9.98 -7.85 -10.44
C THR B 170 9.39 -6.85 -9.43
N VAL B 171 10.14 -5.80 -9.15
CA VAL B 171 9.79 -4.94 -8.02
C VAL B 171 8.65 -4.03 -8.43
N ILE B 172 7.54 -4.10 -7.70
CA ILE B 172 6.35 -3.30 -7.93
C ILE B 172 6.11 -2.45 -6.68
N ASN B 173 5.85 -1.16 -6.86
CA ASN B 173 5.69 -0.28 -5.68
C ASN B 173 4.92 0.97 -6.12
N PHE B 174 3.70 1.07 -5.60
CA PHE B 174 2.67 1.94 -6.17
C PHE B 174 2.91 3.41 -5.83
N LYS B 175 3.66 3.59 -4.74
CA LYS B 175 4.08 4.86 -4.21
C LYS B 175 5.57 4.99 -4.45
N SER B 176 5.95 5.11 -5.72
CA SER B 176 7.34 5.26 -6.11
C SER B 176 7.41 6.06 -7.41
N ARG B 177 8.60 6.59 -7.72
CA ARG B 177 8.76 7.39 -8.91
C ARG B 177 8.51 6.60 -10.19
N GLU B 178 8.98 5.35 -10.25
CA GLU B 178 8.72 4.51 -11.42
C GLU B 178 7.24 4.46 -11.75
N ALA B 179 6.40 4.44 -10.72
CA ALA B 179 4.96 4.27 -10.84
C ALA B 179 4.20 5.55 -11.04
N ILE B 180 4.82 6.71 -10.78
CA ILE B 180 4.10 7.97 -10.71
C ILE B 180 4.81 8.98 -11.57
N ARG B 181 4.14 9.47 -12.58
CA ARG B 181 4.80 10.43 -13.44
C ARG B 181 4.67 11.83 -12.82
N PRO B 182 5.77 12.59 -12.70
CA PRO B 182 5.65 13.96 -12.18
C PRO B 182 4.59 14.73 -12.96
N GLY B 183 3.69 15.39 -12.24
CA GLY B 183 2.62 16.12 -12.87
C GLY B 183 1.33 15.35 -13.10
N HIS B 184 1.37 14.02 -12.96
CA HIS B 184 0.19 13.17 -13.07
C HIS B 184 0.00 12.41 -11.77
N GLU B 185 0.39 13.02 -10.65
CA GLU B 185 0.40 12.34 -9.36
C GLU B 185 -0.96 11.76 -9.06
N MET B 186 -1.99 12.60 -9.05
CA MET B 186 -3.30 12.09 -8.71
C MET B 186 -3.75 11.04 -9.74
N GLU B 187 -3.47 11.26 -11.01
CA GLU B 187 -3.99 10.36 -12.05
C GLU B 187 -3.27 9.02 -12.08
N ASP B 188 -1.95 9.05 -11.99
CA ASP B 188 -1.25 7.79 -12.11
C ASP B 188 -1.46 6.92 -10.85
N PHE B 189 -1.93 7.49 -9.73
CA PHE B 189 -2.03 6.69 -8.49
C PHE B 189 -3.42 6.13 -8.32
N LEU B 190 -4.43 6.83 -8.82
CA LEU B 190 -5.80 6.29 -8.81
C LEU B 190 -6.12 5.45 -10.06
N ASP B 191 -5.28 5.54 -11.09
CA ASP B 191 -5.42 4.79 -12.34
C ASP B 191 -4.00 4.43 -12.77
N LYS B 192 -3.60 3.19 -12.48
CA LYS B 192 -2.25 2.75 -12.75
C LYS B 192 -2.01 2.28 -14.23
N SER B 193 -2.88 2.60 -15.23
CA SER B 193 -2.69 2.10 -16.62
C SER B 193 -1.30 2.47 -17.18
N TYR B 194 -0.76 3.61 -16.88
N TYR B 194 -0.80 3.65 -16.92
N TYR B 194 -0.78 3.63 -16.90
CA TYR B 194 0.57 3.93 -17.42
CA TYR B 194 0.55 4.03 -17.32
CA TYR B 194 0.56 3.96 -17.38
C TYR B 194 1.63 3.04 -16.79
C TYR B 194 1.57 3.02 -16.80
C TYR B 194 1.59 3.00 -16.80
N TYR B 195 1.54 2.81 -15.48
CA TYR B 195 2.49 1.88 -14.85
C TYR B 195 2.34 0.47 -15.41
N LEU B 196 1.12 -0.04 -15.59
CA LEU B 196 0.99 -1.40 -16.11
C LEU B 196 1.47 -1.51 -17.55
N ASN B 197 0.88 -0.67 -18.44
CA ASN B 197 0.98 -0.90 -19.89
C ASN B 197 2.31 -0.40 -20.43
N THR B 198 2.71 0.78 -20.02
CA THR B 198 3.97 1.35 -20.47
C THR B 198 5.16 0.91 -19.63
N VAL B 199 5.13 1.09 -18.31
CA VAL B 199 6.33 0.80 -17.54
C VAL B 199 6.62 -0.70 -17.54
N MET B 200 5.62 -1.49 -17.22
CA MET B 200 5.80 -2.91 -16.93
C MET B 200 5.62 -3.76 -18.17
N LEU B 201 4.46 -3.66 -18.82
CA LEU B 201 4.20 -4.49 -19.98
C LEU B 201 5.11 -4.13 -21.14
N GLN B 202 5.13 -2.86 -21.53
N GLN B 202 5.13 -2.86 -21.53
CA GLN B 202 5.99 -2.47 -22.64
CA GLN B 202 5.99 -2.48 -22.64
C GLN B 202 7.45 -2.43 -22.18
C GLN B 202 7.46 -2.42 -22.19
N GLY B 203 7.71 -1.93 -20.97
CA GLY B 203 9.07 -1.76 -20.48
C GLY B 203 9.82 -2.97 -19.93
N ILE B 204 9.29 -3.62 -18.91
CA ILE B 204 10.07 -4.61 -18.17
C ILE B 204 9.74 -6.03 -18.65
N PHE B 205 8.48 -6.42 -18.62
CA PHE B 205 8.09 -7.75 -19.05
C PHE B 205 8.04 -7.95 -20.56
N LYS B 206 7.75 -6.89 -21.32
CA LYS B 206 7.73 -6.93 -22.78
C LYS B 206 6.41 -7.40 -23.36
N ASN B 207 5.74 -8.34 -22.69
CA ASN B 207 4.46 -8.89 -23.14
C ASN B 207 3.74 -9.42 -21.91
N SER B 208 2.42 -9.57 -22.06
CA SER B 208 1.52 -10.02 -21.00
C SER B 208 1.82 -11.44 -20.60
N SER B 209 2.42 -12.18 -21.52
CA SER B 209 2.68 -13.58 -21.23
C SER B 209 3.77 -13.73 -20.14
N ASN B 210 4.84 -12.90 -20.17
CA ASN B 210 5.92 -12.96 -19.18
C ASN B 210 5.44 -12.51 -17.81
N TYR B 211 4.68 -11.43 -17.83
CA TYR B 211 4.00 -10.92 -16.65
C TYR B 211 3.13 -11.99 -16.05
N PHE B 212 2.26 -12.56 -16.86
CA PHE B 212 1.37 -13.58 -16.36
C PHE B 212 2.16 -14.76 -15.79
N GLY B 213 3.28 -15.08 -16.42
CA GLY B 213 4.15 -16.17 -15.96
C GLY B 213 4.78 -15.91 -14.60
N GLU B 214 5.13 -14.66 -14.29
CA GLU B 214 5.67 -14.34 -12.97
C GLU B 214 4.56 -14.44 -11.92
N LEU B 215 3.47 -13.75 -12.21
CA LEU B 215 2.19 -13.90 -11.54
C LEU B 215 1.94 -15.33 -11.10
N GLN B 216 1.88 -16.22 -12.08
CA GLN B 216 1.58 -17.62 -11.85
C GLN B 216 2.65 -18.30 -10.93
N PHE B 217 3.92 -18.01 -11.14
CA PHE B 217 5.00 -18.63 -10.39
C PHE B 217 4.94 -18.20 -8.93
N ALA B 218 4.70 -16.91 -8.73
CA ALA B 218 4.57 -16.38 -7.41
C ALA B 218 3.47 -17.10 -6.65
N PHE B 219 2.30 -17.27 -7.30
CA PHE B 219 1.20 -17.92 -6.62
C PHE B 219 1.60 -19.33 -6.21
N LEU B 220 2.25 -20.07 -7.13
CA LEU B 220 2.55 -21.48 -6.84
C LEU B 220 3.59 -21.62 -5.70
N ASN B 221 4.61 -20.75 -5.71
CA ASN B 221 5.54 -20.71 -4.59
CA ASN B 221 5.55 -20.71 -4.59
C ASN B 221 4.81 -20.40 -3.29
N ALA B 222 3.90 -19.43 -3.35
CA ALA B 222 3.06 -19.17 -2.19
C ALA B 222 2.28 -20.41 -1.77
N MET B 223 1.68 -21.12 -2.73
CA MET B 223 0.78 -22.19 -2.33
C MET B 223 1.54 -23.40 -1.84
N PHE B 224 2.62 -23.76 -2.54
CA PHE B 224 3.32 -24.99 -2.18
C PHE B 224 4.28 -24.84 -1.01
N PHE B 225 4.93 -23.68 -0.86
CA PHE B 225 5.90 -23.49 0.21
C PHE B 225 5.44 -22.48 1.24
N GLY B 226 4.26 -21.91 1.07
CA GLY B 226 3.86 -20.84 1.96
C GLY B 226 4.88 -19.73 2.01
N ASN B 227 5.52 -19.43 0.89
CA ASN B 227 6.52 -18.38 0.81
C ASN B 227 5.81 -17.04 0.89
N TYR B 228 5.96 -16.36 2.04
CA TYR B 228 5.14 -15.19 2.33
C TYR B 228 5.38 -14.15 1.27
N GLY B 229 6.64 -13.98 0.89
CA GLY B 229 6.96 -12.90 -0.05
C GLY B 229 6.42 -13.16 -1.44
N SER B 230 6.31 -14.42 -1.81
CA SER B 230 5.69 -14.77 -3.08
C SER B 230 4.23 -14.39 -3.09
N SER B 231 3.54 -14.64 -1.98
CA SER B 231 2.16 -14.21 -1.91
C SER B 231 2.06 -12.70 -2.08
N LEU B 232 2.88 -11.96 -1.33
CA LEU B 232 2.86 -10.51 -1.56
C LEU B 232 2.97 -10.22 -3.06
N GLN B 233 3.93 -10.88 -3.74
CA GLN B 233 4.18 -10.57 -5.17
C GLN B 233 2.95 -10.85 -5.99
N TRP B 234 2.42 -12.07 -5.86
CA TRP B 234 1.13 -12.41 -6.47
C TRP B 234 0.13 -11.30 -6.25
N HIS B 235 -0.13 -10.96 -5.00
CA HIS B 235 -1.21 -10.03 -4.76
C HIS B 235 -0.90 -8.70 -5.45
N ALA B 236 0.37 -8.30 -5.48
CA ALA B 236 0.77 -7.04 -6.09
C ALA B 236 0.55 -7.03 -7.61
N MET B 237 0.73 -8.15 -8.30
CA MET B 237 0.65 -8.17 -9.77
C MET B 237 -0.80 -8.16 -10.21
N ILE B 238 -1.65 -8.78 -9.40
CA ILE B 238 -3.09 -8.65 -9.51
C ILE B 238 -3.53 -7.21 -9.27
N GLU B 239 -3.08 -6.60 -8.19
CA GLU B 239 -3.61 -5.28 -7.84
C GLU B 239 -3.37 -4.26 -8.96
N LEU B 240 -2.15 -4.30 -9.52
CA LEU B 240 -1.74 -3.38 -10.55
C LEU B 240 -2.72 -3.43 -11.73
N ILE B 241 -3.16 -4.63 -12.09
CA ILE B 241 -4.09 -4.82 -13.18
C ILE B 241 -5.47 -4.34 -12.77
N CYS B 242 -5.92 -4.77 -11.58
CA CYS B 242 -7.26 -4.38 -11.17
C CYS B 242 -7.32 -2.91 -10.88
N SER B 243 -6.18 -2.29 -10.55
CA SER B 243 -6.19 -0.85 -10.34
C SER B 243 -5.89 -0.03 -11.57
N SER B 244 -6.00 -0.61 -12.77
CA SER B 244 -5.74 0.09 -14.02
C SER B 244 -7.06 0.20 -14.76
N ALA B 245 -7.35 1.35 -15.37
CA ALA B 245 -8.64 1.48 -16.01
C ALA B 245 -8.62 1.00 -17.45
N THR B 246 -7.42 0.90 -18.04
CA THR B 246 -7.20 0.55 -19.46
C THR B 246 -6.37 -0.73 -19.54
N VAL B 247 -7.04 -1.86 -19.74
CA VAL B 247 -6.31 -3.12 -19.89
C VAL B 247 -6.75 -3.80 -21.18
N PRO B 248 -5.81 -4.27 -21.98
CA PRO B 248 -6.21 -5.01 -23.17
C PRO B 248 -7.23 -6.06 -22.77
N LYS B 249 -8.27 -6.18 -23.59
CA LYS B 249 -9.32 -7.15 -23.35
C LYS B 249 -8.76 -8.55 -23.33
N HIS B 250 -7.72 -8.80 -24.12
CA HIS B 250 -7.16 -10.15 -24.07
C HIS B 250 -6.50 -10.42 -22.72
N MET B 251 -5.95 -9.40 -22.06
CA MET B 251 -5.40 -9.61 -20.72
C MET B 251 -6.50 -9.87 -19.69
N LEU B 252 -7.58 -9.07 -19.71
CA LEU B 252 -8.62 -9.25 -18.71
C LEU B 252 -9.17 -10.67 -18.78
N ASP B 253 -9.39 -11.18 -19.98
CA ASP B 253 -10.12 -12.44 -20.08
C ASP B 253 -9.27 -13.63 -19.63
N LYS B 254 -7.99 -13.62 -19.99
CA LYS B 254 -7.05 -14.61 -19.48
C LYS B 254 -6.85 -14.45 -17.98
N LEU B 255 -6.77 -13.21 -17.50
CA LEU B 255 -6.56 -13.00 -16.05
C LEU B 255 -7.67 -13.66 -15.28
N ASP B 256 -8.91 -13.44 -15.71
CA ASP B 256 -10.08 -14.11 -15.10
C ASP B 256 -9.88 -15.63 -15.06
N GLU B 257 -9.36 -16.21 -16.14
CA GLU B 257 -9.11 -17.65 -16.16
C GLU B 257 -7.95 -18.02 -15.24
N ILE B 258 -6.83 -17.31 -15.31
CA ILE B 258 -5.73 -17.53 -14.36
C ILE B 258 -6.20 -17.55 -12.91
N LEU B 259 -6.87 -16.49 -12.46
CA LEU B 259 -7.23 -16.46 -11.05
C LEU B 259 -8.24 -17.53 -10.72
N TYR B 260 -9.13 -17.84 -11.66
CA TYR B 260 -10.17 -18.82 -11.38
C TYR B 260 -9.56 -20.12 -10.91
N TYR B 261 -8.60 -20.60 -11.68
CA TYR B 261 -7.89 -21.83 -11.36
C TYR B 261 -7.00 -21.75 -10.11
N GLN B 262 -6.36 -20.61 -9.81
CA GLN B 262 -5.66 -20.42 -8.51
C GLN B 262 -6.63 -20.54 -7.34
N ILE B 263 -7.72 -19.77 -7.35
CA ILE B 263 -8.70 -19.96 -6.29
C ILE B 263 -9.17 -21.42 -6.24
N LYS B 264 -9.35 -22.05 -7.40
CA LYS B 264 -9.89 -23.41 -7.33
C LYS B 264 -8.94 -24.37 -6.59
N THR B 265 -7.63 -24.22 -6.82
CA THR B 265 -6.64 -25.18 -6.41
C THR B 265 -6.16 -24.96 -4.98
N LEU B 266 -6.57 -23.86 -4.39
CA LEU B 266 -6.12 -23.53 -3.05
C LEU B 266 -6.77 -24.45 -2.01
N PRO B 267 -6.05 -24.79 -0.94
CA PRO B 267 -6.68 -25.56 0.14
C PRO B 267 -7.81 -24.77 0.78
N GLU B 268 -8.93 -25.43 1.02
CA GLU B 268 -10.07 -24.73 1.61
C GLU B 268 -9.70 -24.08 2.93
N GLN B 269 -8.69 -24.61 3.61
CA GLN B 269 -8.35 -24.19 4.97
C GLN B 269 -7.22 -23.17 5.02
N TYR B 270 -6.61 -22.83 3.88
CA TYR B 270 -5.50 -21.90 3.90
C TYR B 270 -5.90 -20.50 3.43
N SER B 271 -7.16 -20.28 3.14
CA SER B 271 -7.60 -19.02 2.57
C SER B 271 -7.51 -17.86 3.56
N ASP B 272 -7.12 -18.12 4.80
CA ASP B 272 -7.05 -17.03 5.77
C ASP B 272 -5.73 -16.28 5.66
N ILE B 273 -4.64 -16.97 5.36
CA ILE B 273 -3.32 -16.36 5.31
C ILE B 273 -2.93 -15.99 3.88
N LEU B 274 -3.32 -16.82 2.90
CA LEU B 274 -2.82 -16.65 1.54
C LEU B 274 -3.65 -15.68 0.71
N LEU B 275 -4.81 -15.25 1.18
CA LEU B 275 -5.63 -14.32 0.45
C LEU B 275 -5.71 -13.02 1.23
N ASN B 276 -5.40 -11.91 0.54
CA ASN B 276 -5.43 -10.56 1.10
C ASN B 276 -6.76 -9.91 0.73
N GLU B 277 -7.67 -9.88 1.72
CA GLU B 277 -8.98 -9.23 1.64
C GLU B 277 -8.97 -7.93 0.84
N ARG B 278 -8.06 -7.02 1.20
CA ARG B 278 -8.06 -5.70 0.59
C ARG B 278 -7.95 -5.82 -0.93
N VAL B 279 -7.02 -6.64 -1.39
CA VAL B 279 -6.77 -6.73 -2.82
C VAL B 279 -7.97 -7.31 -3.52
N TRP B 280 -8.50 -8.39 -2.97
CA TRP B 280 -9.59 -9.08 -3.66
C TRP B 280 -10.89 -8.25 -3.68
N ASN B 281 -11.25 -7.57 -2.57
CA ASN B 281 -12.42 -6.70 -2.61
C ASN B 281 -12.25 -5.57 -3.63
N ILE B 282 -11.04 -5.09 -3.80
CA ILE B 282 -10.79 -4.06 -4.78
C ILE B 282 -10.95 -4.62 -6.19
N CYS B 283 -10.31 -5.76 -6.47
CA CYS B 283 -10.41 -6.35 -7.78
C CYS B 283 -11.87 -6.60 -8.15
N LEU B 284 -12.64 -7.12 -7.20
CA LEU B 284 -13.93 -7.71 -7.52
C LEU B 284 -15.08 -6.74 -7.39
N TYR B 285 -14.97 -5.72 -6.52
CA TYR B 285 -16.11 -4.88 -6.17
C TYR B 285 -15.87 -3.38 -6.29
N SER B 286 -14.63 -2.92 -6.12
CA SER B 286 -14.32 -1.49 -6.17
C SER B 286 -13.59 -1.03 -7.43
N SER B 287 -12.60 -1.81 -7.88
CA SER B 287 -11.68 -1.41 -8.93
C SER B 287 -12.42 -1.31 -10.26
N PHE B 288 -11.73 -0.74 -11.24
CA PHE B 288 -12.26 -0.61 -12.60
C PHE B 288 -12.77 -1.94 -13.15
N GLN B 289 -12.18 -3.06 -12.71
CA GLN B 289 -12.42 -4.38 -13.28
C GLN B 289 -13.41 -5.22 -12.49
N LYS B 290 -14.09 -4.61 -11.51
CA LYS B 290 -15.20 -5.24 -10.80
C LYS B 290 -16.19 -6.00 -11.68
N ASN B 291 -16.33 -5.64 -12.95
CA ASN B 291 -17.28 -6.28 -13.85
C ASN B 291 -16.62 -7.26 -14.79
N SER B 292 -15.30 -7.33 -14.77
CA SER B 292 -14.54 -8.03 -15.80
C SER B 292 -13.89 -9.33 -15.34
N LEU B 293 -14.29 -9.88 -14.19
CA LEU B 293 -13.70 -11.13 -13.74
C LEU B 293 -14.81 -12.08 -13.26
N HIS B 294 -15.68 -12.47 -14.19
CA HIS B 294 -16.90 -13.16 -13.81
C HIS B 294 -16.60 -14.54 -13.23
N ASN B 295 -15.67 -15.27 -13.83
CA ASN B 295 -15.39 -16.59 -13.30
C ASN B 295 -14.72 -16.47 -11.93
N THR B 296 -13.68 -15.64 -11.84
CA THR B 296 -13.03 -15.47 -10.55
C THR B 296 -14.05 -15.05 -9.49
N GLU B 297 -14.91 -14.08 -9.81
CA GLU B 297 -15.84 -13.62 -8.77
C GLU B 297 -16.86 -14.71 -8.41
N LYS B 298 -17.34 -15.49 -9.37
CA LYS B 298 -18.32 -16.53 -9.03
C LYS B 298 -17.71 -17.56 -8.08
N ILE B 299 -16.50 -18.03 -8.36
CA ILE B 299 -15.95 -19.04 -7.46
C ILE B 299 -15.46 -18.43 -6.14
N MET B 300 -15.15 -17.14 -6.07
CA MET B 300 -14.77 -16.61 -4.76
C MET B 300 -15.98 -16.56 -3.83
N GLU B 301 -17.13 -16.09 -4.36
CA GLU B 301 -18.36 -15.95 -3.58
C GLU B 301 -18.99 -17.28 -3.18
N ASN B 302 -18.84 -18.33 -4.01
CA ASN B 302 -19.45 -19.61 -3.65
C ASN B 302 -18.55 -20.44 -2.74
N LYS B 303 -17.25 -20.16 -2.73
CA LYS B 303 -16.28 -20.92 -1.96
C LYS B 303 -15.75 -20.17 -0.75
N TYR B 304 -15.54 -18.85 -0.85
CA TYR B 304 -14.96 -18.08 0.26
C TYR B 304 -15.75 -16.79 0.54
N PRO B 305 -17.08 -16.87 0.65
CA PRO B 305 -17.85 -15.63 0.91
C PRO B 305 -17.58 -14.99 2.26
N GLU B 306 -16.95 -15.69 3.21
CA GLU B 306 -16.66 -15.07 4.50
C GLU B 306 -15.76 -13.85 4.31
N LEU B 307 -14.75 -13.98 3.47
CA LEU B 307 -13.74 -12.95 3.28
C LEU B 307 -14.31 -11.64 2.77
N LEU B 308 -15.59 -11.59 2.38
CA LEU B 308 -16.14 -10.42 1.73
C LEU B 308 -17.44 -9.91 2.37
N1 W4L C . 10.22 29.27 8.97
C7 W4L C . 9.90 31.55 8.39
C8 W4L C . 10.02 31.09 7.08
N2 W4L C . 8.88 33.55 7.61
C9 W4L C . 9.57 31.84 6.05
C1 W4L C . 9.21 26.29 6.38
C5 W4L C . 12.14 27.97 8.07
C6 W4L C . 10.37 30.73 9.52
C4 W4L C . 11.42 28.42 9.35
C3 W4L C . 8.91 28.64 9.36
C2 W4L C . 8.77 27.41 8.50
CL W4L C . 8.40 34.01 5.18
C10 W4L C . 9.00 33.06 6.38
C11 W4L C . 9.34 32.78 8.59
O W4L C . 8.21 26.46 8.98
N W4L C . 9.31 27.46 7.26
C W4L C . 7.77 25.81 6.39
#